data_4RHZ
#
_entry.id   4RHZ
#
_cell.length_a   126.390
_cell.length_b   126.390
_cell.length_c   79.234
_cell.angle_alpha   90.00
_cell.angle_beta   90.00
_cell.angle_gamma   120.00
#
_symmetry.space_group_name_H-M   'P 61'
#
loop_
_entity.id
_entity.type
_entity.pdbx_description
1 polymer Cry23AA1
2 polymer Cry37AA1
3 non-polymer 'ZINC ION'
4 non-polymer 'CALCIUM ION'
5 water water
#
loop_
_entity_poly.entity_id
_entity_poly.type
_entity_poly.pdbx_seq_one_letter_code
_entity_poly.pdbx_strand_id
1 'polypeptide(L)'
;MGIINIQDEINNYMKEVYGATTVKSTYDPSFKVFNESVTPQFTEIPTEPVNNQLTTKRVDNTGSYPVESTVSFTWTETHT
ETSAVTEGVKAGTSISTKQSFKFGFVNSDVTLTVSAEYNYSTTNTTTTTETHTWSDSTKVTIPPKTYVEAAYIIQNGTYN
VPVNVECDMSGTLFCRGYRDGALIAAVYVSVADLADYNPNLNLTNKGDGIAHFKGSGFIEGAQGLRSIIQVTEYPLDDNK
GRSTPITYLINGSLAPNVTLKNSNIKF
;
A
2 'polypeptide(L)'
;MTVYNATFTINFYNEGEWGGPEPYGYIKAYLTNPDHDFEIWKQDDWGKSTPERSTYTQTIKISSDTGSPINQMCFYGDVK
EYDVGNADDILAYPSQKVCSTPGVTVRLDGDEKGSYVTIKYSLTPA
;
B
#
loop_
_chem_comp.id
_chem_comp.type
_chem_comp.name
_chem_comp.formula
CA non-polymer 'CALCIUM ION' 'Ca 2'
ZN non-polymer 'ZINC ION' 'Zn 2'
#
# COMPACT_ATOMS: atom_id res chain seq x y z
N GLY A 2 -10.06 -2.85 23.82
CA GLY A 2 -10.99 -1.83 24.42
C GLY A 2 -10.09 -0.87 25.17
N ILE A 3 -10.69 -0.13 26.06
CA ILE A 3 -10.00 0.86 26.90
C ILE A 3 -9.96 0.39 28.39
N ILE A 4 -8.76 0.22 28.96
CA ILE A 4 -8.61 -0.06 30.36
C ILE A 4 -8.86 1.23 31.14
N ASN A 5 -9.94 1.28 31.89
CA ASN A 5 -10.21 2.46 32.76
C ASN A 5 -9.54 2.24 34.16
N ILE A 6 -8.43 2.93 34.46
CA ILE A 6 -7.68 2.76 35.68
C ILE A 6 -8.63 2.80 36.92
N GLN A 7 -9.44 3.88 37.00
CA GLN A 7 -10.42 4.01 38.01
C GLN A 7 -11.34 2.83 38.13
N ASP A 8 -11.91 2.32 37.03
CA ASP A 8 -12.83 1.19 37.18
C ASP A 8 -12.08 -0.01 37.73
N GLU A 9 -10.80 -0.15 37.40
CA GLU A 9 -10.08 -1.35 37.79
C GLU A 9 -9.64 -1.19 39.30
N ILE A 10 -9.35 0.05 39.72
CA ILE A 10 -9.21 0.35 41.14
C ILE A 10 -10.57 0.08 41.83
N ASN A 11 -11.64 0.44 41.19
CA ASN A 11 -12.91 0.17 41.81
C ASN A 11 -12.98 -1.36 42.06
N ASN A 12 -12.54 -2.15 41.09
CA ASN A 12 -12.75 -3.59 41.21
C ASN A 12 -11.82 -4.18 42.28
N TYR A 13 -10.59 -3.70 42.31
CA TYR A 13 -9.62 -4.07 43.29
C TYR A 13 -10.16 -3.77 44.73
N MET A 14 -10.67 -2.56 44.93
CA MET A 14 -11.15 -2.23 46.22
C MET A 14 -12.29 -3.13 46.66
N LYS A 15 -13.21 -3.45 45.78
CA LYS A 15 -14.32 -4.29 46.16
C LYS A 15 -13.85 -5.71 46.48
N GLU A 16 -12.90 -6.22 45.72
CA GLU A 16 -12.48 -7.58 45.91
C GLU A 16 -11.65 -7.73 47.15
N VAL A 17 -10.78 -6.76 47.41
CA VAL A 17 -9.80 -6.91 48.44
C VAL A 17 -10.40 -6.58 49.81
N TYR A 18 -11.25 -5.55 49.88
CA TYR A 18 -11.77 -5.03 51.13
C TYR A 18 -13.22 -5.37 51.36
N GLY A 19 -13.90 -5.91 50.36
CA GLY A 19 -15.37 -6.14 50.51
C GLY A 19 -16.15 -4.85 50.45
N ALA A 20 -15.52 -3.74 50.01
CA ALA A 20 -16.29 -2.48 49.83
C ALA A 20 -17.40 -2.71 48.84
N THR A 21 -18.54 -2.02 48.98
CA THR A 21 -19.64 -2.14 48.03
C THR A 21 -19.81 -0.86 47.26
N THR A 22 -19.11 0.19 47.69
CA THR A 22 -19.16 1.50 47.11
C THR A 22 -17.69 1.95 47.22
N VAL A 23 -17.12 2.54 46.13
CA VAL A 23 -15.73 2.99 46.10
C VAL A 23 -15.59 4.37 45.47
N LYS A 24 -14.76 5.19 46.10
CA LYS A 24 -14.44 6.46 45.54
C LYS A 24 -12.93 6.62 45.51
N SER A 25 -12.37 6.82 44.30
CA SER A 25 -10.92 7.07 44.09
C SER A 25 -10.61 8.48 43.57
N THR A 26 -9.40 8.95 43.79
CA THR A 26 -8.96 10.24 43.40
C THR A 26 -7.51 10.06 43.07
N TYR A 27 -7.09 10.61 41.93
CA TYR A 27 -5.69 10.55 41.52
C TYR A 27 -4.91 11.41 42.47
N ASP A 28 -3.82 10.86 42.97
CA ASP A 28 -2.95 11.63 43.84
C ASP A 28 -2.20 12.66 42.97
N PRO A 29 -1.95 13.87 43.51
CA PRO A 29 -1.13 14.80 42.73
C PRO A 29 0.23 14.20 42.30
N SER A 30 0.69 13.11 42.91
CA SER A 30 1.93 12.44 42.42
C SER A 30 1.71 11.65 41.11
N PHE A 31 0.46 11.56 40.69
CA PHE A 31 0.18 10.68 39.58
C PHE A 31 0.71 11.23 38.26
N LYS A 32 1.52 10.43 37.58
CA LYS A 32 1.96 10.88 36.26
C LYS A 32 1.94 9.87 35.11
N VAL A 33 1.62 10.40 33.93
CA VAL A 33 1.76 9.66 32.68
C VAL A 33 2.93 10.26 31.87
N PHE A 34 3.80 9.43 31.34
CA PHE A 34 4.93 9.96 30.57
C PHE A 34 5.50 8.87 29.64
N ASN A 35 6.56 9.27 28.88
CA ASN A 35 7.14 8.46 27.81
C ASN A 35 6.05 7.90 26.91
N GLU A 36 5.10 8.74 26.52
CA GLU A 36 4.11 8.35 25.52
C GLU A 36 4.83 8.08 24.20
N SER A 37 4.40 7.04 23.52
CA SER A 37 5.11 6.60 22.35
C SER A 37 4.21 5.74 21.49
N VAL A 38 3.91 6.20 20.30
CA VAL A 38 3.25 5.35 19.32
C VAL A 38 4.31 4.94 18.26
N THR A 39 4.55 3.64 18.13
CA THR A 39 5.52 3.16 17.19
C THR A 39 4.95 2.06 16.27
N PRO A 40 5.24 2.19 14.96
CA PRO A 40 4.83 1.26 13.90
C PRO A 40 5.51 -0.05 14.14
N GLN A 41 4.84 -1.17 13.96
CA GLN A 41 5.46 -2.45 14.17
C GLN A 41 6.52 -2.79 13.09
N PHE A 42 6.36 -2.24 11.88
CA PHE A 42 7.33 -2.31 10.80
C PHE A 42 7.21 -1.03 10.03
N THR A 43 8.16 -0.81 9.17
CA THR A 43 8.22 0.44 8.46
C THR A 43 8.31 0.29 6.91
N GLU A 44 8.50 -0.96 6.46
CA GLU A 44 8.55 -1.30 5.05
C GLU A 44 7.24 -1.92 4.67
N ILE A 45 6.46 -1.23 3.86
CA ILE A 45 5.20 -1.81 3.44
C ILE A 45 5.58 -3.03 2.65
N PRO A 46 5.05 -4.20 3.01
CA PRO A 46 5.47 -5.37 2.21
C PRO A 46 4.64 -5.59 0.95
N THR A 47 3.87 -4.64 0.50
CA THR A 47 3.07 -4.84 -0.71
C THR A 47 3.63 -3.81 -1.72
N GLU A 48 3.95 -4.26 -2.94
CA GLU A 48 4.57 -3.30 -3.88
C GLU A 48 3.59 -2.23 -4.38
N PRO A 49 4.09 -1.03 -4.64
CA PRO A 49 3.23 -0.10 -5.42
C PRO A 49 2.77 -0.65 -6.79
N VAL A 50 1.62 -0.17 -7.27
CA VAL A 50 1.06 -0.60 -8.49
C VAL A 50 0.85 0.58 -9.53
N ASN A 51 1.37 0.38 -10.75
CA ASN A 51 1.23 1.31 -11.86
C ASN A 51 -0.05 0.96 -12.53
N ASN A 52 -0.92 1.93 -12.64
CA ASN A 52 -2.17 1.81 -13.31
C ASN A 52 -2.16 2.77 -14.52
N GLN A 53 -2.57 2.27 -15.66
CA GLN A 53 -2.71 3.11 -16.79
C GLN A 53 -4.09 3.73 -16.86
N LEU A 54 -4.14 5.06 -16.94
CA LEU A 54 -5.43 5.78 -16.95
C LEU A 54 -6.02 6.13 -18.29
N THR A 55 -5.28 6.87 -19.15
CA THR A 55 -5.69 7.09 -20.56
C THR A 55 -4.43 7.24 -21.31
N THR A 56 -4.59 7.31 -22.62
CA THR A 56 -3.47 7.53 -23.48
C THR A 56 -3.83 8.59 -24.52
N LYS A 57 -2.79 9.29 -24.95
CA LYS A 57 -2.93 10.26 -26.00
C LYS A 57 -2.00 9.82 -27.13
N ARG A 58 -2.61 9.61 -28.30
CA ARG A 58 -1.90 9.18 -29.46
C ARG A 58 -1.75 10.39 -30.46
N VAL A 59 -0.55 10.53 -31.03
CA VAL A 59 -0.26 11.58 -32.02
C VAL A 59 0.48 10.96 -33.17
N ASP A 60 -0.13 10.98 -34.35
CA ASP A 60 0.46 10.52 -35.60
C ASP A 60 1.14 11.71 -36.37
N ASN A 61 2.47 11.62 -36.58
CA ASN A 61 3.18 12.54 -37.43
C ASN A 61 3.30 11.91 -38.84
N THR A 62 2.33 12.18 -39.71
CA THR A 62 2.40 11.52 -41.02
C THR A 62 3.34 12.27 -42.00
N GLY A 63 4.05 13.32 -41.56
CA GLY A 63 4.89 14.12 -42.47
C GLY A 63 6.38 13.73 -42.42
N SER A 64 7.18 14.44 -43.22
CA SER A 64 8.56 14.08 -43.41
C SER A 64 9.49 14.86 -42.50
N TYR A 65 8.94 15.72 -41.67
CA TYR A 65 9.79 16.43 -40.70
C TYR A 65 9.41 16.12 -39.22
N PRO A 66 10.38 16.20 -38.30
CA PRO A 66 9.98 16.09 -36.92
C PRO A 66 8.98 17.16 -36.50
N VAL A 67 8.08 16.81 -35.56
CA VAL A 67 7.15 17.77 -34.96
CA VAL A 67 7.17 17.78 -34.95
C VAL A 67 7.35 17.76 -33.43
N GLU A 68 7.01 18.87 -32.76
CA GLU A 68 7.02 18.91 -31.32
C GLU A 68 5.56 18.88 -30.99
N SER A 69 5.20 18.10 -29.97
CA SER A 69 3.81 18.01 -29.56
C SER A 69 3.76 18.01 -28.03
N THR A 70 2.86 18.83 -27.49
CA THR A 70 2.65 18.86 -26.06
C THR A 70 1.52 17.93 -25.64
N VAL A 71 1.80 16.94 -24.77
CA VAL A 71 0.68 16.10 -24.22
C VAL A 71 0.49 16.39 -22.72
N SER A 72 -0.76 16.60 -22.34
CA SER A 72 -1.15 17.07 -21.06
C SER A 72 -2.20 16.11 -20.55
N PHE A 73 -2.12 15.84 -19.26
CA PHE A 73 -3.03 14.91 -18.62
C PHE A 73 -3.52 15.50 -17.32
N THR A 74 -4.73 15.16 -17.01
CA THR A 74 -5.22 15.49 -15.72
C THR A 74 -5.94 14.31 -15.07
N TRP A 75 -5.76 14.14 -13.77
CA TRP A 75 -6.52 13.13 -13.08
C TRP A 75 -6.83 13.47 -11.62
N THR A 76 -8.07 13.23 -11.21
CA THR A 76 -8.46 13.52 -9.83
C THR A 76 -8.69 12.21 -9.08
N GLU A 77 -7.82 11.95 -8.12
CA GLU A 77 -7.88 10.73 -7.29
C GLU A 77 -8.53 11.10 -5.96
N THR A 78 -9.35 10.21 -5.48
CA THR A 78 -9.98 10.43 -4.19
C THR A 78 -9.31 9.44 -3.33
N HIS A 79 -8.73 9.93 -2.25
CA HIS A 79 -8.08 8.98 -1.39
C HIS A 79 -8.15 9.16 0.19
N THR A 80 -7.93 8.02 0.88
CA THR A 80 -8.29 7.82 2.30
C THR A 80 -7.10 7.54 3.29
N GLU A 81 -7.18 8.12 4.50
CA GLU A 81 -6.34 7.73 5.67
C GLU A 81 -7.21 7.51 6.90
N THR A 82 -6.83 6.50 7.67
CA THR A 82 -7.57 6.03 8.78
C THR A 82 -6.58 5.62 9.88
N SER A 83 -6.90 6.08 11.09
CA SER A 83 -6.25 5.60 12.29
C SER A 83 -7.24 5.42 13.48
N ALA A 84 -6.80 4.58 14.45
CA ALA A 84 -7.56 4.34 15.72
C ALA A 84 -6.62 3.66 16.74
N VAL A 85 -6.96 3.76 18.02
CA VAL A 85 -6.38 2.98 19.08
C VAL A 85 -7.37 1.83 19.19
N THR A 86 -6.88 0.61 19.28
CA THR A 86 -7.77 -0.55 19.47
C THR A 86 -7.60 -1.11 20.89
N GLU A 87 -6.49 -0.80 21.52
CA GLU A 87 -6.33 -1.20 22.93
C GLU A 87 -5.73 -0.08 23.65
N GLY A 88 -6.50 0.55 24.53
CA GLY A 88 -6.06 1.80 25.13
C GLY A 88 -6.27 1.85 26.65
N VAL A 89 -6.15 3.06 27.20
CA VAL A 89 -6.10 3.32 28.63
C VAL A 89 -6.70 4.70 28.92
N LYS A 90 -7.54 4.75 29.98
CA LYS A 90 -8.06 6.02 30.49
C LYS A 90 -7.64 6.24 31.96
N ALA A 91 -6.82 7.26 32.15
CA ALA A 91 -6.25 7.68 33.44
C ALA A 91 -7.00 8.92 33.73
N GLY A 92 -6.48 9.79 34.58
CA GLY A 92 -7.28 10.94 34.96
C GLY A 92 -7.14 12.15 34.04
N THR A 93 -6.00 12.25 33.41
CA THR A 93 -5.72 13.33 32.48
C THR A 93 -5.67 12.78 31.00
N SER A 94 -5.95 13.63 30.05
CA SER A 94 -5.77 13.33 28.60
C SER A 94 -4.49 12.62 28.24
N ILE A 95 -4.55 11.47 27.58
CA ILE A 95 -3.29 10.93 27.05
C ILE A 95 -3.41 10.83 25.52
N SER A 96 -2.58 11.59 24.79
CA SER A 96 -2.59 11.52 23.33
C SER A 96 -1.22 11.81 22.69
N THR A 97 -1.02 11.39 21.42
CA THR A 97 0.22 11.63 20.66
C THR A 97 -0.09 11.92 19.18
N LYS A 98 0.49 12.99 18.62
CA LYS A 98 0.52 13.22 17.18
C LYS A 98 1.76 12.45 16.75
N GLN A 99 1.57 11.37 16.00
CA GLN A 99 2.74 10.74 15.45
C GLN A 99 2.85 10.82 13.91
N SER A 100 4.06 11.09 13.48
CA SER A 100 4.38 11.08 12.07
C SER A 100 5.11 9.81 11.72
N PHE A 101 4.73 9.17 10.62
CA PHE A 101 5.40 7.96 10.18
C PHE A 101 6.01 8.10 8.72
N LYS A 102 7.17 7.51 8.55
CA LYS A 102 7.83 7.48 7.26
C LYS A 102 7.82 6.04 6.83
N PHE A 103 7.01 5.71 5.81
CA PHE A 103 6.98 4.35 5.32
C PHE A 103 7.73 4.22 3.97
N GLY A 104 8.47 3.13 3.83
CA GLY A 104 9.04 2.75 2.53
C GLY A 104 8.27 1.57 1.96
N PHE A 105 8.63 1.18 0.74
CA PHE A 105 8.04 -0.02 0.12
C PHE A 105 9.12 -1.05 -0.23
N VAL A 106 8.89 -2.32 0.07
CA VAL A 106 9.93 -3.32 -0.13
C VAL A 106 10.22 -3.45 -1.62
N ASN A 107 11.51 -3.62 -1.88
CA ASN A 107 12.08 -3.73 -3.23
C ASN A 107 12.17 -2.37 -3.96
N SER A 108 11.80 -1.25 -3.31
CA SER A 108 11.97 0.07 -3.97
C SER A 108 12.34 1.29 -3.11
N ASP A 109 12.04 2.47 -3.63
CA ASP A 109 12.87 3.64 -3.33
C ASP A 109 12.07 4.88 -2.97
N VAL A 110 10.79 4.66 -2.84
CA VAL A 110 9.90 5.75 -2.58
C VAL A 110 9.52 5.64 -1.07
N THR A 111 9.31 6.81 -0.48
CA THR A 111 9.06 7.01 0.91
C THR A 111 7.76 7.78 1.08
N LEU A 112 6.83 7.33 1.94
CA LEU A 112 5.71 8.22 2.22
C LEU A 112 5.57 8.65 3.70
N THR A 113 5.16 9.89 3.87
CA THR A 113 4.98 10.52 5.16
C THR A 113 3.53 10.71 5.50
N VAL A 114 3.18 10.16 6.66
CA VAL A 114 1.82 10.29 7.15
C VAL A 114 1.77 10.43 8.69
N SER A 115 0.78 11.15 9.17
CA SER A 115 0.71 11.52 10.57
C SER A 115 -0.68 11.18 11.07
N ALA A 116 -0.76 10.80 12.34
CA ALA A 116 -2.09 10.67 12.93
C ALA A 116 -2.04 11.01 14.42
N GLU A 117 -3.20 11.44 14.91
CA GLU A 117 -3.42 11.66 16.31
C GLU A 117 -4.01 10.45 17.05
N TYR A 118 -3.22 9.90 17.95
CA TYR A 118 -3.70 8.85 18.84
C TYR A 118 -4.15 9.35 20.24
N ASN A 119 -5.45 9.30 20.46
CA ASN A 119 -6.02 9.52 21.78
C ASN A 119 -6.19 8.17 22.52
N TYR A 120 -5.40 7.96 23.57
CA TYR A 120 -5.31 6.64 24.22
C TYR A 120 -6.58 6.13 24.88
N SER A 121 -7.51 7.05 25.10
CA SER A 121 -8.71 6.82 25.91
C SER A 121 -9.95 6.46 25.12
N THR A 122 -9.85 6.42 23.80
CA THR A 122 -11.01 6.04 23.00
C THR A 122 -10.66 5.00 21.93
N THR A 123 -11.64 4.20 21.50
CA THR A 123 -11.44 3.33 20.34
C THR A 123 -12.08 3.92 19.05
N ASN A 124 -12.62 5.12 19.17
CA ASN A 124 -13.20 5.82 18.00
C ASN A 124 -12.26 5.82 16.83
N THR A 125 -12.79 5.52 15.66
CA THR A 125 -11.88 5.54 14.53
C THR A 125 -12.06 6.86 13.74
N THR A 126 -10.93 7.42 13.24
CA THR A 126 -10.96 8.63 12.40
C THR A 126 -10.40 8.38 10.99
N THR A 127 -11.18 8.79 10.00
CA THR A 127 -10.85 8.69 8.58
C THR A 127 -11.00 10.05 7.91
N THR A 128 -9.99 10.44 7.11
CA THR A 128 -10.08 11.55 6.12
C THR A 128 -10.05 11.01 4.68
N THR A 129 -11.04 11.42 3.91
CA THR A 129 -11.10 11.16 2.48
C THR A 129 -11.04 12.52 1.79
N GLU A 130 -10.03 12.68 0.94
CA GLU A 130 -9.81 13.92 0.17
C GLU A 130 -9.46 13.65 -1.27
N THR A 131 -9.67 14.65 -2.13
CA THR A 131 -9.35 14.48 -3.54
C THR A 131 -8.06 15.19 -3.87
N HIS A 132 -7.36 14.61 -4.84
CA HIS A 132 -6.16 15.25 -5.34
CA HIS A 132 -6.12 15.20 -5.34
C HIS A 132 -6.23 15.27 -6.87
N THR A 133 -5.77 16.38 -7.44
CA THR A 133 -5.82 16.55 -8.89
C THR A 133 -4.38 16.48 -9.33
N TRP A 134 -4.05 15.38 -10.00
CA TRP A 134 -2.75 15.22 -10.67
C TRP A 134 -2.85 15.96 -12.04
N SER A 135 -1.83 16.73 -12.39
CA SER A 135 -1.78 17.33 -13.72
CA SER A 135 -1.77 17.29 -13.74
C SER A 135 -0.34 17.29 -14.24
N ASP A 136 -0.14 16.82 -15.44
CA ASP A 136 1.22 16.69 -15.89
C ASP A 136 1.23 16.97 -17.39
N SER A 137 2.37 17.43 -17.89
CA SER A 137 2.51 17.55 -19.34
C SER A 137 3.94 17.55 -19.73
N THR A 138 4.19 17.19 -20.98
CA THR A 138 5.57 17.08 -21.44
C THR A 138 5.49 17.31 -22.97
N LYS A 139 6.64 17.64 -23.55
CA LYS A 139 6.72 18.10 -24.91
C LYS A 139 7.51 17.03 -25.60
N VAL A 140 6.89 16.34 -26.53
CA VAL A 140 7.64 15.27 -27.15
C VAL A 140 7.97 15.63 -28.60
N THR A 141 9.09 15.11 -29.06
CA THR A 141 9.48 15.22 -30.44
C THR A 141 9.11 13.93 -31.15
N ILE A 142 8.22 14.05 -32.11
CA ILE A 142 7.80 12.89 -32.89
C ILE A 142 8.54 12.80 -34.25
N PRO A 143 9.42 11.80 -34.43
CA PRO A 143 10.04 11.69 -35.74
C PRO A 143 9.04 11.55 -36.86
N PRO A 144 9.51 11.76 -38.09
CA PRO A 144 8.67 11.78 -39.27
C PRO A 144 8.12 10.40 -39.47
N LYS A 145 6.91 10.27 -40.01
CA LYS A 145 6.33 8.96 -40.28
C LYS A 145 6.30 8.07 -39.00
N THR A 146 5.95 8.64 -37.86
CA THR A 146 5.95 7.88 -36.61
C THR A 146 4.75 8.34 -35.81
N TYR A 147 4.17 7.43 -35.06
CA TYR A 147 3.24 7.87 -34.07
C TYR A 147 3.76 7.60 -32.67
N VAL A 148 3.15 8.29 -31.74
CA VAL A 148 3.52 8.23 -30.37
C VAL A 148 2.22 7.86 -29.59
N GLU A 149 2.36 6.95 -28.65
CA GLU A 149 1.29 6.74 -27.65
C GLU A 149 1.86 7.20 -26.33
N ALA A 150 1.26 8.27 -25.76
CA ALA A 150 1.72 8.76 -24.46
C ALA A 150 0.63 8.29 -23.48
N ALA A 151 1.01 7.35 -22.61
CA ALA A 151 0.05 6.77 -21.61
C ALA A 151 0.31 7.43 -20.24
N TYR A 152 -0.74 7.86 -19.57
CA TYR A 152 -0.61 8.45 -18.23
C TYR A 152 -0.76 7.34 -17.18
N ILE A 153 0.28 7.19 -16.35
CA ILE A 153 0.37 6.12 -15.39
C ILE A 153 0.30 6.74 -13.98
N ILE A 154 -0.58 6.22 -13.11
CA ILE A 154 -0.59 6.62 -11.68
CA ILE A 154 -0.53 6.61 -11.68
C ILE A 154 -0.10 5.44 -10.82
N GLN A 155 0.92 5.68 -10.03
CA GLN A 155 1.48 4.68 -9.21
C GLN A 155 0.82 4.74 -7.79
N ASN A 156 0.03 3.73 -7.48
CA ASN A 156 -0.71 3.57 -6.23
C ASN A 156 0.00 2.79 -5.18
N GLY A 157 -0.07 3.27 -3.94
CA GLY A 157 0.40 2.50 -2.76
C GLY A 157 -0.72 2.34 -1.71
N THR A 158 -0.75 1.19 -1.05
CA THR A 158 -1.67 0.97 0.06
CA THR A 158 -1.71 0.85 0.00
C THR A 158 -0.92 0.38 1.23
N TYR A 159 -1.36 0.75 2.43
CA TYR A 159 -0.64 0.24 3.65
C TYR A 159 -1.62 0.00 4.80
N ASN A 160 -1.34 -1.00 5.61
CA ASN A 160 -2.10 -1.24 6.84
C ASN A 160 -1.09 -1.62 7.91
N VAL A 161 -0.75 -0.69 8.80
CA VAL A 161 0.37 -0.97 9.73
C VAL A 161 -0.10 -0.99 11.19
N PRO A 162 0.09 -2.12 11.91
CA PRO A 162 -0.20 -2.11 13.35
C PRO A 162 0.78 -1.18 14.05
N VAL A 163 0.26 -0.41 15.01
CA VAL A 163 1.19 0.37 15.84
C VAL A 163 1.03 -0.05 17.32
N ASN A 164 2.13 0.14 18.05
CA ASN A 164 2.18 0.01 19.48
C ASN A 164 1.81 1.34 20.09
N VAL A 165 0.87 1.32 21.04
CA VAL A 165 0.38 2.52 21.74
C VAL A 165 0.76 2.34 23.25
N GLU A 166 1.78 3.05 23.69
CA GLU A 166 2.49 2.76 24.92
C GLU A 166 2.69 3.99 25.75
N CYS A 167 2.69 3.79 27.07
CA CYS A 167 3.21 4.83 28.02
C CYS A 167 3.58 4.23 29.37
N ASP A 168 4.23 5.05 30.20
CA ASP A 168 4.56 4.73 31.60
C ASP A 168 3.69 5.55 32.53
N MET A 169 3.50 5.03 33.73
CA MET A 169 2.67 5.66 34.72
C MET A 169 3.35 5.42 36.06
N SER A 170 3.38 6.45 36.90
CA SER A 170 3.86 6.32 38.27
C SER A 170 2.91 7.13 39.14
N GLY A 171 2.92 6.79 40.45
CA GLY A 171 2.01 7.47 41.37
C GLY A 171 0.83 6.64 41.82
N THR A 172 -0.08 7.26 42.59
CA THR A 172 -1.08 6.46 43.29
C THR A 172 -2.43 7.09 43.15
N LEU A 173 -3.45 6.31 43.47
CA LEU A 173 -4.78 6.84 43.71
C LEU A 173 -5.06 6.72 45.21
N PHE A 174 -5.77 7.71 45.71
CA PHE A 174 -6.31 7.66 47.01
C PHE A 174 -7.65 7.02 46.96
N CYS A 175 -7.83 5.87 47.62
CA CYS A 175 -9.11 5.13 47.52
C CYS A 175 -9.89 4.94 48.85
N ARG A 176 -11.16 5.32 48.80
CA ARG A 176 -12.07 5.22 49.88
C ARG A 176 -13.06 4.09 49.55
N GLY A 177 -13.10 3.05 50.39
CA GLY A 177 -14.10 1.99 50.29
C GLY A 177 -15.16 2.11 51.37
N TYR A 178 -16.41 1.88 51.03
CA TYR A 178 -17.49 1.95 51.97
C TYR A 178 -18.27 0.68 51.88
N ARG A 179 -18.87 0.32 53.03
CA ARG A 179 -19.72 -0.87 53.21
CA ARG A 179 -19.79 -0.83 53.17
C ARG A 179 -20.77 -0.55 54.28
N ASP A 180 -22.04 -0.87 54.03
CA ASP A 180 -23.10 -0.74 55.08
C ASP A 180 -23.13 0.62 55.78
N GLY A 181 -23.12 1.69 55.00
CA GLY A 181 -23.28 3.05 55.52
C GLY A 181 -22.01 3.65 56.14
N ALA A 182 -20.86 2.95 56.01
CA ALA A 182 -19.61 3.39 56.65
C ALA A 182 -18.37 3.23 55.75
N LEU A 183 -17.40 4.12 55.98
CA LEU A 183 -16.11 4.09 55.30
C LEU A 183 -15.30 3.06 56.00
N ILE A 184 -14.78 2.05 55.31
CA ILE A 184 -14.02 0.96 55.95
C ILE A 184 -12.60 0.95 55.44
N ALA A 185 -12.28 1.78 54.45
CA ALA A 185 -10.90 1.75 53.87
C ALA A 185 -10.51 3.10 53.30
N ALA A 186 -9.30 3.53 53.57
CA ALA A 186 -8.79 4.73 53.02
C ALA A 186 -7.34 4.50 52.75
N VAL A 187 -7.03 3.95 51.56
CA VAL A 187 -5.68 3.49 51.21
C VAL A 187 -5.14 4.07 49.86
N TYR A 188 -3.83 4.01 49.67
CA TYR A 188 -3.25 4.44 48.44
C TYR A 188 -2.85 3.21 47.66
N VAL A 189 -3.17 3.22 46.36
CA VAL A 189 -2.89 2.08 45.50
C VAL A 189 -2.21 2.59 44.25
N SER A 190 -0.99 2.07 44.00
CA SER A 190 -0.16 2.31 42.82
C SER A 190 -0.86 1.73 41.62
N VAL A 191 -0.42 2.17 40.44
CA VAL A 191 -0.78 1.52 39.19
C VAL A 191 0.12 0.29 38.96
N ALA A 192 1.37 0.37 39.39
CA ALA A 192 2.18 -0.88 39.60
C ALA A 192 1.50 -1.96 40.45
N ASP A 193 0.93 -1.58 41.60
CA ASP A 193 0.18 -2.52 42.48
C ASP A 193 -0.97 -3.17 41.70
N LEU A 194 -1.65 -2.32 40.92
CA LEU A 194 -2.77 -2.81 40.10
C LEU A 194 -2.23 -3.82 39.08
N ALA A 195 -1.06 -3.54 38.52
CA ALA A 195 -0.47 -4.45 37.53
C ALA A 195 -0.09 -5.80 38.19
N ASP A 196 0.49 -5.76 39.40
CA ASP A 196 0.68 -7.00 40.16
C ASP A 196 -0.63 -7.69 40.46
N TYR A 197 -1.69 -6.94 40.71
CA TYR A 197 -2.94 -7.60 41.06
C TYR A 197 -3.59 -8.26 39.87
N ASN A 198 -3.50 -7.62 38.70
CA ASN A 198 -4.26 -8.11 37.53
C ASN A 198 -3.39 -8.01 36.30
N PRO A 199 -2.85 -9.16 35.84
CA PRO A 199 -1.86 -9.13 34.80
C PRO A 199 -2.55 -9.04 33.40
N ASN A 200 -3.88 -9.01 33.36
CA ASN A 200 -4.67 -8.98 32.12
C ASN A 200 -5.15 -7.59 31.71
N LEU A 201 -4.40 -6.55 32.07
CA LEU A 201 -4.81 -5.17 31.77
C LEU A 201 -3.76 -4.42 30.92
N ASN A 202 -2.85 -5.13 30.27
CA ASN A 202 -1.85 -4.48 29.39
C ASN A 202 -0.95 -3.58 30.17
N LEU A 203 -0.90 -3.83 31.47
CA LEU A 203 0.04 -3.11 32.34
C LEU A 203 0.98 -4.07 32.99
N THR A 204 2.24 -3.66 33.10
CA THR A 204 3.26 -4.46 33.75
C THR A 204 4.03 -3.57 34.75
N ASN A 205 4.41 -4.16 35.88
CA ASN A 205 5.18 -3.50 36.94
C ASN A 205 6.62 -3.52 36.49
N LYS A 206 7.20 -2.38 36.22
CA LYS A 206 8.56 -2.43 35.72
C LYS A 206 9.55 -2.15 36.85
N GLY A 207 9.08 -2.09 38.12
CA GLY A 207 9.99 -1.75 39.23
C GLY A 207 10.08 -0.23 39.47
N ASP A 208 10.63 0.17 40.62
CA ASP A 208 10.75 1.59 40.97
C ASP A 208 9.38 2.29 41.04
N GLY A 209 8.31 1.50 41.10
CA GLY A 209 6.98 2.07 41.16
C GLY A 209 6.39 2.48 39.80
N ILE A 210 6.99 1.99 38.71
CA ILE A 210 6.58 2.48 37.37
C ILE A 210 5.78 1.40 36.71
N ALA A 211 4.58 1.73 36.23
CA ALA A 211 3.85 0.76 35.40
C ALA A 211 3.94 1.19 33.95
N HIS A 212 4.11 0.19 33.08
CA HIS A 212 4.21 0.43 31.66
C HIS A 212 2.92 -0.01 31.02
N PHE A 213 2.33 0.88 30.20
CA PHE A 213 1.14 0.46 29.41
C PHE A 213 1.52 0.14 27.96
N LYS A 214 1.14 -1.05 27.50
CA LYS A 214 1.42 -1.52 26.16
C LYS A 214 0.14 -1.87 25.48
N GLY A 215 -0.40 -0.91 24.73
CA GLY A 215 -1.63 -1.18 23.99
C GLY A 215 -1.39 -1.17 22.48
N SER A 216 -2.44 -0.95 21.70
CA SER A 216 -2.24 -1.02 20.27
C SER A 216 -3.23 -0.21 19.43
N GLY A 217 -2.89 -0.09 18.15
CA GLY A 217 -3.80 0.51 17.16
C GLY A 217 -3.31 0.33 15.74
N PHE A 218 -3.71 1.21 14.84
CA PHE A 218 -3.22 1.09 13.46
C PHE A 218 -3.11 2.44 12.72
N ILE A 219 -2.40 2.46 11.59
CA ILE A 219 -2.47 3.59 10.63
C ILE A 219 -2.63 2.91 9.26
N GLU A 220 -3.67 3.22 8.51
CA GLU A 220 -3.88 2.62 7.26
C GLU A 220 -4.27 3.70 6.21
N GLY A 221 -4.10 3.38 4.92
CA GLY A 221 -4.22 4.40 3.82
C GLY A 221 -4.02 3.80 2.40
N ALA A 222 -4.37 4.58 1.39
CA ALA A 222 -4.19 4.19 0.00
C ALA A 222 -4.09 5.52 -0.69
N GLN A 223 -3.01 5.77 -1.41
CA GLN A 223 -2.96 7.02 -2.23
C GLN A 223 -2.12 6.82 -3.47
N GLY A 224 -2.30 7.79 -4.38
CA GLY A 224 -1.37 7.92 -5.50
C GLY A 224 -0.05 8.31 -4.93
N LEU A 225 1.00 7.66 -5.39
CA LEU A 225 2.30 8.07 -4.95
C LEU A 225 3.02 8.96 -5.93
N ARG A 226 2.84 8.70 -7.24
CA ARG A 226 3.48 9.44 -8.32
C ARG A 226 2.83 9.13 -9.65
N SER A 227 2.98 10.09 -10.57
CA SER A 227 2.46 10.02 -11.93
C SER A 227 3.69 9.83 -12.84
N ILE A 228 3.49 9.09 -13.93
CA ILE A 228 4.52 8.86 -14.91
C ILE A 228 3.82 9.04 -16.31
N ILE A 229 4.55 9.61 -17.27
CA ILE A 229 4.08 9.66 -18.68
C ILE A 229 4.89 8.67 -19.44
N GLN A 230 4.24 7.66 -19.99
CA GLN A 230 4.98 6.59 -20.57
C GLN A 230 4.82 6.72 -22.10
N VAL A 231 5.93 6.87 -22.80
CA VAL A 231 5.85 7.22 -24.25
C VAL A 231 6.41 6.14 -25.11
N THR A 232 5.55 5.64 -25.99
CA THR A 232 5.97 4.69 -27.03
C THR A 232 5.97 5.28 -28.46
N GLU A 233 7.11 5.21 -29.17
CA GLU A 233 7.12 5.65 -30.59
C GLU A 233 7.12 4.43 -31.44
N TYR A 234 6.27 4.40 -32.44
CA TYR A 234 6.25 3.32 -33.37
CA TYR A 234 6.08 3.28 -33.35
C TYR A 234 6.15 3.85 -34.80
N PRO A 235 6.85 3.19 -35.72
CA PRO A 235 6.81 3.60 -37.17
C PRO A 235 5.44 3.52 -37.77
N LEU A 236 5.06 4.54 -38.54
CA LEU A 236 3.88 4.39 -39.40
C LEU A 236 4.16 3.54 -40.66
N ASP A 237 3.14 2.98 -41.27
CA ASP A 237 3.30 2.12 -42.42
C ASP A 237 4.10 2.76 -43.55
N ASP A 238 3.92 4.05 -43.73
CA ASP A 238 4.58 4.84 -44.75
C ASP A 238 6.07 5.03 -44.43
N ASN A 239 6.51 4.54 -43.27
CA ASN A 239 7.89 4.76 -42.84
C ASN A 239 8.94 4.19 -43.77
N LYS A 240 8.83 2.93 -44.15
CA LYS A 240 9.75 2.32 -45.13
C LYS A 240 11.19 2.17 -44.70
N GLY A 241 11.85 3.29 -44.40
CA GLY A 241 13.21 3.24 -43.93
C GLY A 241 12.98 2.59 -42.60
N ARG A 242 11.94 3.07 -41.93
CA ARG A 242 11.45 2.58 -40.64
C ARG A 242 12.07 3.16 -39.38
N SER A 243 11.28 3.90 -38.65
CA SER A 243 11.70 4.47 -37.40
C SER A 243 11.85 3.33 -36.44
N THR A 244 12.76 3.44 -35.49
CA THR A 244 12.96 2.40 -34.49
C THR A 244 12.03 2.57 -33.31
N PRO A 245 11.15 1.61 -33.09
CA PRO A 245 10.19 1.57 -31.98
C PRO A 245 10.92 1.66 -30.67
N ILE A 246 10.38 2.46 -29.76
CA ILE A 246 11.01 2.66 -28.47
C ILE A 246 9.95 3.07 -27.43
N THR A 247 10.07 2.54 -26.20
CA THR A 247 9.30 3.06 -25.08
C THR A 247 10.20 3.73 -24.05
N TYR A 248 9.93 4.99 -23.69
CA TYR A 248 10.70 5.64 -22.60
C TYR A 248 9.72 6.30 -21.60
N LEU A 249 10.17 6.62 -20.39
CA LEU A 249 9.26 7.11 -19.34
C LEU A 249 9.70 8.43 -18.83
N ILE A 250 8.77 9.36 -18.73
CA ILE A 250 9.06 10.68 -18.25
C ILE A 250 8.36 10.86 -16.85
N ASN A 251 9.12 11.15 -15.80
CA ASN A 251 8.50 11.50 -14.51
C ASN A 251 7.55 12.66 -14.62
N GLY A 252 6.35 12.43 -14.10
CA GLY A 252 5.32 13.46 -14.01
C GLY A 252 5.50 14.16 -12.67
N SER A 253 4.72 13.77 -11.65
CA SER A 253 4.72 14.43 -10.34
C SER A 253 4.87 13.43 -9.18
N LEU A 254 5.39 13.88 -8.05
CA LEU A 254 5.37 13.08 -6.78
C LEU A 254 4.22 13.59 -5.96
N ALA A 255 3.55 12.75 -5.20
CA ALA A 255 2.58 13.27 -4.17
C ALA A 255 3.28 14.21 -3.13
N PRO A 256 2.53 15.17 -2.55
CA PRO A 256 3.18 16.12 -1.54
C PRO A 256 3.92 15.42 -0.37
N ASN A 257 3.30 14.34 0.09
CA ASN A 257 3.84 13.57 1.24
C ASN A 257 4.78 12.50 0.77
N VAL A 258 5.22 12.56 -0.48
CA VAL A 258 6.11 11.51 -1.02
C VAL A 258 7.44 12.14 -1.41
N THR A 259 8.50 11.37 -1.21
CA THR A 259 9.89 11.78 -1.38
C THR A 259 10.72 10.56 -1.85
N LEU A 260 11.90 10.79 -2.45
CA LEU A 260 12.90 9.68 -2.65
C LEU A 260 14.38 10.04 -2.31
N THR B 2 25.93 -7.48 -18.96
CA THR B 2 25.56 -8.49 -17.90
C THR B 2 24.18 -9.13 -18.14
N VAL B 3 24.09 -10.44 -17.95
CA VAL B 3 22.82 -11.14 -18.12
C VAL B 3 22.16 -11.27 -16.72
N TYR B 4 20.84 -11.18 -16.66
CA TYR B 4 20.09 -11.29 -15.40
C TYR B 4 19.07 -12.38 -15.37
N ASN B 5 18.91 -12.97 -14.19
CA ASN B 5 17.81 -13.88 -13.94
C ASN B 5 16.67 -12.95 -13.62
N ALA B 6 15.59 -13.01 -14.38
CA ALA B 6 14.43 -12.18 -14.10
C ALA B 6 13.28 -13.11 -13.70
N THR B 7 12.66 -12.79 -12.56
CA THR B 7 11.61 -13.64 -11.96
C THR B 7 10.32 -12.82 -11.92
N PHE B 8 9.32 -13.33 -12.61
CA PHE B 8 8.08 -12.68 -12.86
C PHE B 8 7.07 -13.36 -12.00
N THR B 9 6.25 -12.57 -11.29
CA THR B 9 5.16 -13.22 -10.53
C THR B 9 3.89 -12.65 -11.01
N ILE B 10 3.05 -13.47 -11.57
CA ILE B 10 1.91 -12.99 -12.20
C ILE B 10 0.67 -13.48 -11.46
N ASN B 11 -0.31 -12.57 -11.24
CA ASN B 11 -1.55 -12.93 -10.62
C ASN B 11 -2.72 -12.61 -11.47
N PHE B 12 -3.66 -13.57 -11.56
CA PHE B 12 -4.83 -13.46 -12.38
C PHE B 12 -6.08 -13.26 -11.52
N TYR B 13 -7.03 -12.42 -11.94
CA TYR B 13 -8.21 -12.10 -11.16
C TYR B 13 -9.37 -12.07 -12.09
N ASN B 14 -10.52 -12.65 -11.66
CA ASN B 14 -11.79 -12.64 -12.43
C ASN B 14 -12.87 -12.92 -11.38
N GLU B 15 -13.63 -11.90 -10.95
CA GLU B 15 -14.69 -12.07 -9.94
C GLU B 15 -15.75 -13.06 -10.44
N GLY B 16 -16.00 -14.13 -9.70
CA GLY B 16 -16.89 -15.20 -10.22
C GLY B 16 -16.59 -16.48 -9.47
N GLU B 17 -17.51 -16.81 -8.56
CA GLU B 17 -17.27 -17.59 -7.32
C GLU B 17 -16.54 -18.98 -7.26
N TRP B 18 -16.20 -19.65 -8.37
CA TRP B 18 -15.63 -21.05 -8.19
C TRP B 18 -14.11 -21.31 -8.27
N GLY B 19 -13.44 -21.21 -7.11
CA GLY B 19 -11.98 -21.29 -7.05
C GLY B 19 -11.33 -20.23 -7.94
N GLY B 20 -10.24 -20.61 -8.61
CA GLY B 20 -9.46 -19.65 -9.38
C GLY B 20 -9.95 -19.45 -10.80
N PRO B 21 -9.37 -18.47 -11.49
CA PRO B 21 -9.74 -18.36 -12.89
C PRO B 21 -9.00 -19.39 -13.79
N GLU B 22 -9.42 -19.46 -15.05
CA GLU B 22 -8.82 -20.35 -16.03
C GLU B 22 -8.24 -19.58 -17.21
N PRO B 23 -7.16 -18.84 -16.93
CA PRO B 23 -6.76 -17.89 -17.99
C PRO B 23 -6.15 -18.61 -19.19
N TYR B 24 -6.49 -18.22 -20.41
CA TYR B 24 -5.68 -18.61 -21.55
C TYR B 24 -5.26 -17.38 -22.34
N GLY B 25 -4.16 -17.49 -23.07
CA GLY B 25 -3.68 -16.46 -24.02
C GLY B 25 -2.19 -16.35 -23.80
N TYR B 26 -1.69 -15.11 -23.63
CA TYR B 26 -0.27 -14.90 -23.39
C TYR B 26 -0.07 -13.59 -22.63
N ILE B 27 1.09 -13.45 -22.02
CA ILE B 27 1.58 -12.17 -21.52
C ILE B 27 3.05 -12.06 -21.99
N LYS B 28 3.41 -10.87 -22.44
CA LYS B 28 4.76 -10.64 -22.96
C LYS B 28 5.36 -9.43 -22.32
N ALA B 29 6.67 -9.36 -22.36
CA ALA B 29 7.40 -8.23 -21.86
C ALA B 29 8.42 -7.76 -22.93
N TYR B 30 8.96 -6.56 -22.74
CA TYR B 30 10.12 -6.10 -23.47
C TYR B 30 10.78 -5.05 -22.63
N LEU B 31 12.06 -4.79 -22.85
CA LEU B 31 12.74 -3.72 -22.16
C LEU B 31 12.44 -2.33 -22.73
N THR B 32 13.00 -2.04 -23.89
CA THR B 32 12.85 -0.67 -24.42
C THR B 32 12.32 -0.66 -25.81
N ASN B 33 12.49 -1.79 -26.51
CA ASN B 33 12.08 -1.93 -27.90
C ASN B 33 10.86 -2.83 -28.03
N PRO B 34 9.72 -2.28 -28.40
CA PRO B 34 8.48 -3.11 -28.41
C PRO B 34 8.53 -4.31 -29.37
N ASP B 35 9.41 -4.27 -30.40
CA ASP B 35 9.54 -5.44 -31.24
C ASP B 35 10.35 -6.54 -30.58
N HIS B 36 11.14 -6.24 -29.55
CA HIS B 36 11.92 -7.29 -28.87
C HIS B 36 11.20 -7.78 -27.62
N ASP B 37 10.00 -8.28 -27.82
CA ASP B 37 9.22 -8.74 -26.73
C ASP B 37 9.35 -10.25 -26.56
N PHE B 38 9.00 -10.73 -25.39
CA PHE B 38 9.16 -12.16 -25.12
C PHE B 38 8.05 -12.62 -24.21
N GLU B 39 7.60 -13.85 -24.36
CA GLU B 39 6.62 -14.38 -23.44
C GLU B 39 7.14 -14.70 -22.07
N ILE B 40 6.38 -14.27 -21.08
CA ILE B 40 6.59 -14.67 -19.70
C ILE B 40 5.49 -15.63 -19.22
N TRP B 41 4.45 -15.78 -20.04
CA TRP B 41 3.41 -16.72 -19.74
C TRP B 41 2.59 -16.95 -20.98
N LYS B 42 2.18 -18.20 -21.16
CA LYS B 42 1.42 -18.64 -22.35
C LYS B 42 0.56 -19.87 -21.97
N GLN B 43 -0.71 -19.86 -22.35
CA GLN B 43 -1.53 -21.04 -22.16
C GLN B 43 -2.54 -21.01 -23.27
N ASP B 44 -2.55 -22.08 -24.09
CA ASP B 44 -3.53 -22.19 -25.17
C ASP B 44 -4.90 -22.48 -24.66
N ASP B 45 -5.87 -21.99 -25.42
CA ASP B 45 -7.27 -22.13 -25.12
C ASP B 45 -7.69 -23.58 -25.25
N TRP B 46 -7.86 -24.23 -24.10
CA TRP B 46 -8.45 -25.57 -24.08
C TRP B 46 -9.89 -25.55 -23.56
N GLY B 47 -10.58 -24.40 -23.65
CA GLY B 47 -11.92 -24.29 -23.01
C GLY B 47 -11.98 -24.97 -21.63
N LYS B 48 -13.04 -25.76 -21.39
CA LYS B 48 -13.26 -26.49 -20.11
C LYS B 48 -12.04 -27.23 -19.49
N SER B 49 -11.08 -27.60 -20.33
CA SER B 49 -9.84 -28.23 -19.87
C SER B 49 -8.72 -27.21 -19.51
N THR B 50 -8.97 -25.92 -19.75
CA THR B 50 -7.94 -24.91 -19.47
C THR B 50 -7.61 -24.96 -17.97
N PRO B 51 -6.33 -25.00 -17.64
CA PRO B 51 -5.95 -25.07 -16.22
C PRO B 51 -6.34 -23.85 -15.34
N GLU B 52 -6.63 -24.17 -14.08
CA GLU B 52 -6.87 -23.20 -13.04
C GLU B 52 -5.53 -22.57 -12.74
N ARG B 53 -5.49 -21.24 -12.67
CA ARG B 53 -4.25 -20.58 -12.40
C ARG B 53 -4.54 -19.28 -11.74
N SER B 54 -4.12 -19.12 -10.50
CA SER B 54 -4.31 -17.82 -9.88
CA SER B 54 -4.30 -17.84 -9.81
C SER B 54 -2.98 -17.03 -9.79
N THR B 55 -1.89 -17.74 -9.56
CA THR B 55 -0.55 -17.17 -9.51
CA THR B 55 -0.57 -17.14 -9.55
C THR B 55 0.33 -18.08 -10.35
N TYR B 56 1.31 -17.49 -11.03
CA TYR B 56 2.21 -18.15 -11.93
C TYR B 56 3.53 -17.47 -11.70
N THR B 57 4.57 -18.27 -11.56
CA THR B 57 5.90 -17.76 -11.36
CA THR B 57 5.91 -17.76 -11.35
C THR B 57 6.83 -18.35 -12.42
N GLN B 58 7.75 -17.52 -12.92
CA GLN B 58 8.69 -17.86 -13.98
C GLN B 58 9.97 -17.07 -13.87
N THR B 59 11.10 -17.74 -14.14
CA THR B 59 12.40 -17.10 -14.23
C THR B 59 12.98 -17.33 -15.61
N ILE B 60 13.58 -16.27 -16.15
CA ILE B 60 14.00 -16.16 -17.56
CA ILE B 60 14.00 -16.19 -17.55
C ILE B 60 15.35 -15.47 -17.56
N LYS B 61 16.22 -15.80 -18.48
CA LYS B 61 17.47 -15.03 -18.51
C LYS B 61 17.36 -13.90 -19.50
N ILE B 62 17.78 -12.70 -19.12
CA ILE B 62 17.58 -11.56 -19.95
C ILE B 62 18.72 -10.55 -19.89
N SER B 63 18.81 -9.69 -20.90
CA SER B 63 19.80 -8.62 -20.93
C SER B 63 19.30 -7.51 -21.77
N SER B 64 19.91 -6.37 -21.60
CA SER B 64 19.61 -5.19 -22.32
C SER B 64 20.51 -5.00 -23.52
N ASP B 65 20.26 -3.93 -24.22
CA ASP B 65 20.95 -3.55 -25.41
C ASP B 65 22.39 -3.40 -25.16
N THR B 66 22.70 -2.77 -24.05
CA THR B 66 24.03 -2.46 -23.65
C THR B 66 24.58 -3.33 -22.59
N GLY B 67 23.81 -4.26 -22.11
CA GLY B 67 24.26 -5.11 -21.00
C GLY B 67 24.22 -4.35 -19.69
N SER B 68 23.78 -3.09 -19.71
CA SER B 68 23.62 -2.34 -18.48
C SER B 68 22.52 -2.89 -17.56
N PRO B 69 22.45 -2.40 -16.29
CA PRO B 69 21.32 -2.88 -15.44
C PRO B 69 19.95 -2.48 -16.03
N ILE B 70 18.96 -3.33 -15.81
CA ILE B 70 17.59 -3.10 -16.29
C ILE B 70 16.76 -2.27 -15.28
N ASN B 71 16.31 -1.12 -15.72
CA ASN B 71 15.62 -0.05 -15.01
CA ASN B 71 15.53 -0.26 -14.82
C ASN B 71 14.13 -0.05 -15.35
N GLN B 72 13.75 -0.81 -16.36
CA GLN B 72 12.45 -0.63 -17.01
C GLN B 72 11.96 -1.91 -17.68
N MET B 73 10.67 -2.20 -17.58
CA MET B 73 10.17 -3.32 -18.29
C MET B 73 8.74 -3.04 -18.58
N CYS B 74 8.28 -3.43 -19.77
CA CYS B 74 6.97 -3.07 -20.22
C CYS B 74 6.22 -4.33 -20.46
N PHE B 75 4.91 -4.37 -20.16
CA PHE B 75 4.21 -5.67 -20.20
C PHE B 75 2.92 -5.48 -20.91
N TYR B 76 2.42 -6.53 -21.56
CA TYR B 76 1.04 -6.52 -22.07
C TYR B 76 0.57 -7.90 -22.27
N GLY B 77 -0.73 -8.06 -22.43
CA GLY B 77 -1.29 -9.36 -22.42
C GLY B 77 -2.55 -9.41 -23.25
N ASP B 78 -2.82 -10.59 -23.79
CA ASP B 78 -4.08 -10.96 -24.36
C ASP B 78 -4.54 -12.13 -23.51
N VAL B 79 -5.35 -11.88 -22.50
CA VAL B 79 -5.67 -12.89 -21.48
C VAL B 79 -7.17 -12.96 -21.35
N LYS B 80 -7.68 -14.18 -21.50
CA LYS B 80 -9.08 -14.47 -21.44
C LYS B 80 -9.57 -15.62 -20.59
N GLU B 81 -10.82 -15.44 -20.30
CA GLU B 81 -11.65 -16.44 -19.71
C GLU B 81 -12.79 -16.79 -20.61
N TYR B 82 -12.91 -18.11 -20.49
CA TYR B 82 -13.65 -19.08 -21.24
C TYR B 82 -15.07 -18.75 -21.34
N ASP B 83 -15.57 -19.01 -22.52
CA ASP B 83 -16.87 -18.65 -22.99
C ASP B 83 -17.94 -19.42 -22.26
N VAL B 84 -18.37 -18.99 -21.08
CA VAL B 84 -19.34 -19.85 -20.46
C VAL B 84 -20.42 -20.19 -21.49
N GLY B 85 -20.82 -19.19 -22.25
CA GLY B 85 -21.80 -19.41 -23.28
C GLY B 85 -21.07 -19.28 -24.57
N ASN B 86 -20.78 -18.05 -24.96
CA ASN B 86 -19.96 -17.84 -26.13
C ASN B 86 -18.80 -16.89 -25.95
N ALA B 87 -19.14 -15.71 -25.44
CA ALA B 87 -18.28 -14.48 -25.30
C ALA B 87 -17.33 -14.47 -24.08
N ASP B 88 -16.05 -14.38 -24.36
CA ASP B 88 -15.05 -14.63 -23.33
C ASP B 88 -14.89 -13.43 -22.40
N ASP B 89 -14.66 -13.72 -21.12
CA ASP B 89 -14.14 -12.76 -20.17
C ASP B 89 -12.78 -12.26 -20.64
N ILE B 90 -12.54 -10.94 -20.56
CA ILE B 90 -11.22 -10.45 -20.86
C ILE B 90 -10.58 -9.96 -19.59
N LEU B 91 -9.39 -10.48 -19.27
CA LEU B 91 -8.56 -10.09 -18.14
C LEU B 91 -7.47 -9.09 -18.58
N ALA B 92 -7.13 -9.05 -19.90
CA ALA B 92 -6.11 -8.10 -20.42
C ALA B 92 -6.25 -7.99 -21.94
N TYR B 93 -6.10 -6.78 -22.46
CA TYR B 93 -6.15 -6.50 -23.87
C TYR B 93 -4.75 -6.16 -24.35
N PRO B 94 -4.38 -6.68 -25.52
CA PRO B 94 -2.98 -6.50 -25.88
C PRO B 94 -2.68 -5.09 -26.38
N SER B 95 -3.64 -4.23 -26.63
CA SER B 95 -3.24 -2.91 -26.98
C SER B 95 -2.70 -2.15 -25.74
N GLN B 96 -2.84 -2.70 -24.54
CA GLN B 96 -2.46 -1.90 -23.38
C GLN B 96 -1.12 -2.34 -22.86
N LYS B 97 -0.12 -1.46 -22.96
CA LYS B 97 1.19 -1.66 -22.47
C LYS B 97 1.43 -0.87 -21.18
N VAL B 98 1.93 -1.54 -20.13
CA VAL B 98 2.24 -0.81 -18.85
C VAL B 98 3.61 -1.18 -18.42
N CYS B 99 4.45 -0.20 -18.11
CA CYS B 99 5.83 -0.44 -17.74
C CYS B 99 6.06 -0.12 -16.23
N SER B 100 7.10 -0.68 -15.61
CA SER B 100 7.54 -0.25 -14.29
C SER B 100 9.02 -0.52 -14.10
N THR B 101 9.63 0.11 -13.10
CA THR B 101 10.92 -0.33 -12.55
C THR B 101 10.79 -1.61 -11.69
N PRO B 102 11.87 -2.40 -11.50
CA PRO B 102 11.73 -3.62 -10.68
C PRO B 102 11.39 -3.24 -9.24
N GLY B 103 10.39 -3.88 -8.64
CA GLY B 103 9.98 -3.46 -7.29
C GLY B 103 8.66 -2.73 -7.39
N VAL B 104 8.26 -2.32 -8.59
CA VAL B 104 6.93 -1.77 -8.77
C VAL B 104 6.19 -2.76 -9.63
N THR B 105 4.91 -2.98 -9.30
CA THR B 105 4.11 -3.98 -9.93
C THR B 105 3.22 -3.27 -10.94
N VAL B 106 2.85 -3.95 -12.05
CA VAL B 106 1.91 -3.33 -12.96
C VAL B 106 0.60 -4.10 -12.99
N ARG B 107 -0.48 -3.38 -13.32
CA ARG B 107 -1.76 -3.98 -13.61
C ARG B 107 -2.15 -3.79 -15.08
N LEU B 108 -2.57 -4.89 -15.71
CA LEU B 108 -3.21 -4.87 -16.99
C LEU B 108 -4.71 -5.01 -16.74
N ASP B 109 -5.54 -4.11 -17.30
CA ASP B 109 -6.98 -4.10 -17.03
C ASP B 109 -7.79 -4.93 -17.99
N GLY B 110 -8.88 -5.48 -17.46
CA GLY B 110 -9.76 -6.35 -18.28
C GLY B 110 -11.04 -5.63 -18.59
N ASP B 111 -12.10 -6.37 -18.87
CA ASP B 111 -13.32 -5.75 -19.33
C ASP B 111 -14.24 -5.42 -18.15
N GLU B 112 -13.74 -5.64 -16.95
CA GLU B 112 -14.52 -5.31 -15.72
C GLU B 112 -13.53 -5.00 -14.66
N LYS B 113 -13.97 -4.27 -13.62
CA LYS B 113 -13.01 -3.89 -12.57
C LYS B 113 -12.41 -5.08 -11.82
N GLY B 114 -13.14 -6.20 -11.77
CA GLY B 114 -12.64 -7.36 -11.03
C GLY B 114 -11.99 -8.47 -11.91
N SER B 115 -11.86 -8.18 -13.23
CA SER B 115 -11.09 -8.99 -14.17
C SER B 115 -9.82 -8.20 -14.62
N TYR B 116 -8.63 -8.69 -14.22
CA TYR B 116 -7.38 -8.00 -14.51
C TYR B 116 -6.21 -8.89 -14.19
N VAL B 117 -4.98 -8.43 -14.48
CA VAL B 117 -3.78 -9.21 -14.18
C VAL B 117 -2.76 -8.30 -13.56
N THR B 118 -1.91 -8.80 -12.65
CA THR B 118 -0.85 -7.99 -12.15
C THR B 118 0.50 -8.71 -12.37
N ILE B 119 1.61 -7.96 -12.48
CA ILE B 119 2.88 -8.59 -12.72
C ILE B 119 3.90 -7.89 -11.90
N LYS B 120 4.73 -8.65 -11.22
CA LYS B 120 5.78 -8.13 -10.38
C LYS B 120 7.02 -8.78 -10.89
N TYR B 121 8.18 -8.11 -10.85
CA TYR B 121 9.37 -8.78 -11.32
C TYR B 121 10.55 -8.35 -10.51
N SER B 122 11.59 -9.18 -10.46
CA SER B 122 12.84 -8.84 -9.80
C SER B 122 14.01 -9.45 -10.56
N LEU B 123 15.19 -8.93 -10.31
CA LEU B 123 16.44 -9.31 -11.04
C LEU B 123 17.61 -9.58 -10.13
N THR B 124 18.40 -10.61 -10.48
CA THR B 124 19.70 -10.90 -9.86
CA THR B 124 19.69 -10.88 -9.86
C THR B 124 20.66 -11.31 -10.97
N PRO B 125 21.95 -10.91 -10.87
CA PRO B 125 22.94 -11.32 -11.86
C PRO B 125 22.86 -12.80 -12.08
N ALA B 126 22.93 -13.23 -13.33
CA ALA B 126 22.87 -14.66 -13.63
C ALA B 126 24.26 -15.21 -13.46
ZN ZN C . -3.66 13.17 0.28
CA CA D . -16.81 -11.01 -17.52
#